data_9KVO
#
_entry.id   9KVO
#
_cell.length_a   39.888
_cell.length_b   83.365
_cell.length_c   124.234
_cell.angle_alpha   90.00
_cell.angle_beta   90.00
_cell.angle_gamma   90.00
#
_symmetry.space_group_name_H-M   'P 21 21 21'
#
loop_
_entity.id
_entity.type
_entity.pdbx_description
1 polymer 'KCNQ1 helixAB'
2 polymer Calmodulin-1
3 non-polymer 'CALCIUM ION'
#
loop_
_entity_poly.entity_id
_entity_poly.type
_entity_poly.pdbx_seq_one_letter_code
_entity_poly.pdbx_strand_id
1 'polypeptide(L)' FNRQIPAAASLIQTAWRCYAAENPDSSTWKIYIRISQLREHHRATIKVIRRMQYFVAKKKFQQARK A,B
2 'polypeptide(L)'
;MADQLTEEQIAEFKEAFSLFDKDGDGTITTKELGTVMRSLGQNPTEAELQDMINEVDADGNGTIDFPEFLTMMARKMKDT
DSEEEIREAFRVFDKDGNGYISAAELRHVMTNLGEKLTDEEVDEMIREADIEGDGQVNYEEFVQMMTAK
;
C,D
#
loop_
_chem_comp.id
_chem_comp.type
_chem_comp.name
_chem_comp.formula
CA non-polymer 'CALCIUM ION' 'Ca 2'
#
# COMPACT_ATOMS: atom_id res chain seq x y z
N ARG A 3 -34.06 -6.83 -20.54
CA ARG A 3 -33.21 -7.68 -19.71
C ARG A 3 -32.07 -6.85 -19.11
N GLN A 4 -31.47 -7.39 -18.04
CA GLN A 4 -30.39 -6.73 -17.33
C GLN A 4 -29.47 -7.73 -16.60
N ILE A 5 -29.40 -8.96 -17.11
CA ILE A 5 -28.63 -10.02 -16.45
C ILE A 5 -27.13 -9.77 -16.55
N PRO A 6 -26.56 -9.38 -17.72
CA PRO A 6 -25.13 -9.10 -17.83
C PRO A 6 -24.70 -7.78 -17.18
N ALA A 7 -25.55 -6.75 -17.31
CA ALA A 7 -25.35 -5.50 -16.59
C ALA A 7 -25.35 -5.73 -15.09
N ALA A 8 -26.34 -6.48 -14.59
CA ALA A 8 -26.35 -6.84 -13.18
C ALA A 8 -25.03 -7.49 -12.77
N ALA A 9 -24.62 -8.52 -13.52
CA ALA A 9 -23.48 -9.33 -13.12
C ALA A 9 -22.20 -8.50 -13.11
N SER A 10 -22.04 -7.66 -14.15
CA SER A 10 -20.82 -6.88 -14.28
C SER A 10 -20.66 -5.83 -13.18
N LEU A 11 -21.78 -5.43 -12.56
CA LEU A 11 -21.72 -4.52 -11.44
C LEU A 11 -21.28 -5.24 -10.16
N ILE A 12 -21.76 -6.46 -9.94
CA ILE A 12 -21.39 -7.20 -8.74
C ILE A 12 -19.91 -7.59 -8.84
N GLN A 13 -19.53 -8.09 -10.01
CA GLN A 13 -18.16 -8.49 -10.28
C GLN A 13 -17.23 -7.30 -10.13
N THR A 14 -17.64 -6.15 -10.73
CA THR A 14 -16.80 -4.95 -10.83
C THR A 14 -16.57 -4.38 -9.42
N ALA A 15 -17.66 -4.26 -8.66
CA ALA A 15 -17.60 -3.85 -7.27
C ALA A 15 -16.70 -4.76 -6.44
N TRP A 16 -16.80 -6.07 -6.66
CA TRP A 16 -16.09 -7.02 -5.80
C TRP A 16 -14.58 -6.95 -6.03
N ARG A 17 -14.15 -6.88 -7.29
CA ARG A 17 -12.73 -6.77 -7.59
C ARG A 17 -12.12 -5.48 -7.03
N CYS A 18 -12.97 -4.45 -6.92
CA CYS A 18 -12.62 -3.24 -6.20
C CYS A 18 -12.41 -3.48 -4.70
N TYR A 19 -13.42 -4.08 -4.05
CA TYR A 19 -13.34 -4.35 -2.63
C TYR A 19 -12.22 -5.33 -2.30
N ALA A 20 -12.00 -6.30 -3.19
CA ALA A 20 -11.02 -7.35 -3.01
C ALA A 20 -9.58 -6.86 -3.23
N ALA A 21 -9.39 -5.95 -4.19
CA ALA A 21 -8.09 -5.35 -4.44
C ALA A 21 -7.53 -4.66 -3.20
N GLU A 22 -8.41 -4.18 -2.32
CA GLU A 22 -7.98 -3.53 -1.11
C GLU A 22 -7.42 -4.51 -0.08
N ASN A 23 -7.62 -5.81 -0.32
CA ASN A 23 -6.86 -6.83 0.38
C ASN A 23 -5.52 -6.98 -0.33
N PRO A 24 -4.41 -6.57 0.32
CA PRO A 24 -3.09 -6.75 -0.28
C PRO A 24 -2.78 -8.19 -0.71
N ASP A 25 -3.62 -9.15 -0.28
CA ASP A 25 -3.35 -10.57 -0.46
C ASP A 25 -4.51 -11.38 -1.05
N SER A 26 -5.44 -10.75 -1.75
CA SER A 26 -6.59 -11.44 -2.31
C SER A 26 -6.23 -12.34 -3.49
N SER A 27 -7.02 -13.41 -3.66
CA SER A 27 -7.04 -14.17 -4.90
C SER A 27 -7.18 -13.28 -6.13
N THR A 28 -7.93 -12.17 -5.99
CA THR A 28 -8.14 -11.24 -7.10
C THR A 28 -6.85 -10.86 -7.80
N TRP A 29 -5.76 -10.78 -7.03
CA TRP A 29 -4.47 -10.34 -7.57
C TRP A 29 -3.81 -11.34 -8.51
N LYS A 30 -4.10 -12.63 -8.32
CA LYS A 30 -3.41 -13.68 -9.05
C LYS A 30 -3.63 -13.52 -10.54
N ILE A 31 -4.83 -13.06 -10.93
CA ILE A 31 -5.23 -13.04 -12.33
C ILE A 31 -4.22 -12.38 -13.27
N TYR A 32 -3.44 -11.42 -12.77
CA TYR A 32 -2.57 -10.63 -13.63
C TYR A 32 -1.32 -11.44 -13.96
N ILE A 33 -1.46 -12.29 -14.99
CA ILE A 33 -0.53 -13.38 -15.26
C ILE A 33 0.48 -13.03 -16.35
N ARG A 34 0.58 -11.74 -16.72
CA ARG A 34 1.63 -11.28 -17.62
C ARG A 34 2.72 -10.50 -16.88
N ILE A 35 2.40 -10.04 -15.68
CA ILE A 35 3.40 -9.34 -14.88
C ILE A 35 3.92 -10.37 -13.88
N SER A 36 5.23 -10.64 -13.94
CA SER A 36 5.85 -11.73 -13.22
C SER A 36 5.61 -11.56 -11.71
N GLN A 37 6.22 -10.53 -11.12
CA GLN A 37 5.95 -10.14 -9.75
C GLN A 37 5.25 -8.80 -9.81
N LEU A 38 4.13 -8.68 -9.09
CA LEU A 38 3.37 -7.44 -9.06
C LEU A 38 4.11 -6.48 -8.15
N ARG A 39 4.30 -5.24 -8.61
CA ARG A 39 4.99 -4.22 -7.84
C ARG A 39 4.03 -3.05 -7.56
N GLU A 40 4.57 -2.00 -6.91
CA GLU A 40 3.81 -0.83 -6.50
C GLU A 40 3.00 -0.25 -7.66
N HIS A 41 3.69 0.22 -8.70
CA HIS A 41 3.03 0.89 -9.80
C HIS A 41 1.99 -0.01 -10.47
N HIS A 42 2.29 -1.32 -10.52
CA HIS A 42 1.39 -2.32 -11.07
C HIS A 42 0.06 -2.30 -10.32
N ARG A 43 0.15 -2.44 -8.99
CA ARG A 43 -1.03 -2.41 -8.14
C ARG A 43 -1.77 -1.08 -8.22
N ALA A 44 -1.02 0.01 -8.43
CA ALA A 44 -1.61 1.33 -8.59
C ALA A 44 -2.49 1.44 -9.83
N THR A 45 -1.93 1.08 -10.99
CA THR A 45 -2.67 1.08 -12.24
C THR A 45 -3.84 0.11 -12.15
N ILE A 46 -3.61 -1.07 -11.57
CA ILE A 46 -4.68 -2.05 -11.40
C ILE A 46 -5.86 -1.40 -10.69
N LYS A 47 -5.63 -0.89 -9.46
CA LYS A 47 -6.70 -0.30 -8.68
C LYS A 47 -7.41 0.80 -9.45
N VAL A 48 -6.62 1.71 -10.04
CA VAL A 48 -7.17 2.76 -10.87
C VAL A 48 -8.16 2.18 -11.89
N ILE A 49 -7.77 1.09 -12.56
CA ILE A 49 -8.58 0.53 -13.64
C ILE A 49 -9.82 -0.19 -13.12
N ARG A 50 -9.67 -1.00 -12.06
CA ARG A 50 -10.81 -1.65 -11.45
C ARG A 50 -11.85 -0.62 -11.02
N ARG A 51 -11.39 0.47 -10.39
CA ARG A 51 -12.23 1.58 -9.99
C ARG A 51 -13.00 2.18 -11.17
N MET A 52 -12.28 2.40 -12.27
CA MET A 52 -12.85 3.00 -13.46
C MET A 52 -13.91 2.09 -14.07
N GLN A 53 -13.65 0.78 -14.00
CA GLN A 53 -14.56 -0.23 -14.52
C GLN A 53 -15.79 -0.30 -13.64
N TYR A 54 -15.59 -0.18 -12.34
CA TYR A 54 -16.70 -0.07 -11.42
C TYR A 54 -17.68 0.98 -11.92
N PHE A 55 -17.19 2.21 -12.11
CA PHE A 55 -18.07 3.31 -12.45
C PHE A 55 -18.82 3.07 -13.77
N VAL A 56 -18.12 2.50 -14.76
CA VAL A 56 -18.72 2.14 -16.05
C VAL A 56 -19.89 1.16 -15.89
N ALA A 57 -19.63 0.10 -15.11
CA ALA A 57 -20.64 -0.90 -14.79
C ALA A 57 -21.80 -0.31 -14.02
N LYS A 58 -21.50 0.69 -13.19
CA LYS A 58 -22.52 1.38 -12.41
C LYS A 58 -23.41 2.25 -13.30
N LYS A 59 -22.85 2.83 -14.37
CA LYS A 59 -23.62 3.59 -15.34
C LYS A 59 -24.47 2.66 -16.20
N LYS A 60 -23.85 1.59 -16.72
CA LYS A 60 -24.53 0.68 -17.62
C LYS A 60 -25.71 0.02 -16.91
N PHE A 61 -25.56 -0.22 -15.60
CA PHE A 61 -26.62 -0.81 -14.81
C PHE A 61 -27.72 0.18 -14.47
N GLN A 62 -27.35 1.44 -14.28
CA GLN A 62 -28.30 2.54 -14.15
C GLN A 62 -29.16 2.69 -15.40
N GLN A 63 -28.58 2.43 -16.57
CA GLN A 63 -29.31 2.46 -17.83
C GLN A 63 -30.28 1.29 -17.94
N ALA A 64 -30.00 0.22 -17.18
CA ALA A 64 -30.81 -0.99 -17.22
C ALA A 64 -31.86 -1.08 -16.12
N ARG A 65 -31.53 -0.56 -14.92
CA ARG A 65 -32.39 -0.64 -13.74
C ARG A 65 -33.90 -0.50 -14.03
N ARG B 3 34.45 -5.79 11.02
CA ARG B 3 33.54 -5.28 12.05
C ARG B 3 32.99 -3.88 11.71
N GLN B 4 32.74 -3.64 10.42
CA GLN B 4 31.72 -2.72 9.94
C GLN B 4 30.77 -3.41 8.97
N ILE B 5 30.94 -4.74 8.82
CA ILE B 5 30.03 -5.55 8.03
C ILE B 5 28.67 -5.54 8.72
N PRO B 6 28.58 -5.80 10.05
CA PRO B 6 27.34 -5.57 10.79
C PRO B 6 26.88 -4.12 10.80
N ALA B 7 27.84 -3.19 10.82
CA ALA B 7 27.53 -1.76 10.73
C ALA B 7 26.76 -1.44 9.44
N ALA B 8 27.10 -2.11 8.34
CA ALA B 8 26.37 -1.95 7.09
C ALA B 8 24.99 -2.61 7.13
N ALA B 9 24.95 -3.83 7.69
CA ALA B 9 23.75 -4.63 7.80
C ALA B 9 22.68 -3.86 8.57
N SER B 10 23.04 -3.38 9.76
CA SER B 10 22.12 -2.71 10.66
C SER B 10 21.55 -1.44 10.05
N LEU B 11 22.27 -0.88 9.08
CA LEU B 11 21.83 0.29 8.34
C LEU B 11 20.80 -0.08 7.28
N ILE B 12 21.07 -1.15 6.53
CA ILE B 12 20.13 -1.67 5.54
C ILE B 12 18.82 -2.08 6.20
N GLN B 13 18.92 -2.68 7.39
CA GLN B 13 17.77 -3.20 8.11
C GLN B 13 16.94 -2.05 8.71
N THR B 14 17.61 -1.14 9.42
CA THR B 14 16.97 0.03 10.00
C THR B 14 16.32 0.91 8.93
N ALA B 15 16.97 1.04 7.78
CA ALA B 15 16.44 1.80 6.67
C ALA B 15 15.19 1.16 6.09
N TRP B 16 15.34 -0.07 5.58
CA TRP B 16 14.24 -0.77 4.93
C TRP B 16 13.02 -0.80 5.84
N ARG B 17 13.23 -1.15 7.12
CA ARG B 17 12.14 -1.18 8.08
C ARG B 17 11.43 0.16 8.19
N CYS B 18 12.22 1.23 8.14
CA CYS B 18 11.69 2.58 8.22
C CYS B 18 10.84 2.91 7.00
N TYR B 19 11.23 2.35 5.86
CA TYR B 19 10.51 2.49 4.59
C TYR B 19 9.26 1.62 4.52
N ALA B 20 9.34 0.43 5.14
CA ALA B 20 8.29 -0.58 5.04
C ALA B 20 7.05 -0.21 5.85
N ALA B 21 7.29 0.50 6.97
CA ALA B 21 6.21 1.03 7.78
C ALA B 21 5.30 2.02 7.05
N GLU B 22 5.77 2.56 5.91
CA GLU B 22 4.94 3.42 5.07
C GLU B 22 3.78 2.63 4.48
N ASN B 23 4.08 1.45 3.93
CA ASN B 23 3.05 0.51 3.49
C ASN B 23 2.40 -0.06 4.74
N PRO B 24 1.09 0.18 4.95
CA PRO B 24 0.41 -0.25 6.16
C PRO B 24 0.13 -1.74 6.23
N ASP B 25 0.30 -2.42 5.09
CA ASP B 25 0.06 -3.86 4.99
C ASP B 25 1.34 -4.68 5.03
N SER B 26 2.50 -4.00 5.18
CA SER B 26 3.80 -4.66 5.11
C SER B 26 4.02 -5.72 6.19
N SER B 27 4.61 -6.86 5.78
CA SER B 27 4.86 -7.99 6.68
C SER B 27 5.77 -7.65 7.85
N THR B 28 6.37 -6.45 7.82
CA THR B 28 7.12 -5.92 8.96
C THR B 28 6.41 -6.15 10.29
N TRP B 29 5.12 -5.78 10.36
CA TRP B 29 4.35 -5.89 11.60
C TRP B 29 3.93 -7.35 11.92
N LEU B 38 -2.46 -4.83 17.26
CA LEU B 38 -1.74 -3.58 17.03
C LEU B 38 -2.70 -2.47 16.61
N ARG B 39 -2.71 -1.37 17.38
CA ARG B 39 -3.48 -0.18 17.04
C ARG B 39 -2.57 0.89 16.43
N GLU B 40 -3.14 2.06 16.10
CA GLU B 40 -2.38 3.18 15.57
C GLU B 40 -1.47 3.84 16.60
N HIS B 41 -1.90 3.86 17.87
CA HIS B 41 -1.04 4.41 18.91
C HIS B 41 0.19 3.53 18.97
N HIS B 42 0.05 2.26 18.60
CA HIS B 42 1.19 1.39 18.43
C HIS B 42 2.04 1.81 17.23
N ARG B 43 1.41 1.90 16.06
CA ARG B 43 2.16 2.16 14.83
C ARG B 43 2.94 3.46 14.87
N ALA B 44 2.40 4.47 15.58
CA ALA B 44 3.01 5.78 15.67
C ALA B 44 4.35 5.72 16.41
N THR B 45 4.34 5.12 17.61
CA THR B 45 5.56 4.88 18.34
C THR B 45 6.52 4.00 17.53
N ILE B 46 6.01 2.94 16.90
CA ILE B 46 6.85 2.03 16.13
C ILE B 46 7.52 2.80 15.00
N LYS B 47 6.73 3.61 14.27
CA LYS B 47 7.28 4.40 13.18
C LYS B 47 8.31 5.40 13.69
N VAL B 48 8.11 5.93 14.91
CA VAL B 48 9.02 6.89 15.53
C VAL B 48 10.35 6.25 15.93
N ILE B 49 10.28 5.05 16.51
CA ILE B 49 11.47 4.34 16.95
C ILE B 49 12.27 3.83 15.77
N ARG B 50 11.58 3.38 14.71
CA ARG B 50 12.28 2.88 13.54
C ARG B 50 13.09 4.00 12.87
N ARG B 51 12.60 5.24 12.99
CA ARG B 51 13.31 6.43 12.50
C ARG B 51 14.52 6.76 13.37
N MET B 52 14.29 6.87 14.69
CA MET B 52 15.36 7.07 15.65
C MET B 52 16.43 6.00 15.48
N GLN B 53 15.98 4.75 15.36
CA GLN B 53 16.86 3.60 15.17
C GLN B 53 17.65 3.71 13.87
N TYR B 54 16.97 4.16 12.81
CA TYR B 54 17.64 4.43 11.56
C TYR B 54 18.77 5.43 11.78
N PHE B 55 18.50 6.50 12.52
CA PHE B 55 19.51 7.51 12.76
C PHE B 55 20.73 6.92 13.47
N VAL B 56 20.50 6.19 14.57
CA VAL B 56 21.59 5.56 15.31
C VAL B 56 22.42 4.72 14.34
N ALA B 57 21.74 3.79 13.64
CA ALA B 57 22.40 2.91 12.68
C ALA B 57 23.28 3.68 11.70
N LYS B 58 22.82 4.89 11.33
CA LYS B 58 23.49 5.72 10.35
C LYS B 58 24.75 6.38 10.89
N LYS B 59 24.76 6.79 12.16
CA LYS B 59 25.95 7.34 12.79
C LYS B 59 26.99 6.23 12.98
N LYS B 60 26.49 5.03 13.33
CA LYS B 60 27.36 3.88 13.58
C LYS B 60 28.10 3.47 12.30
N PHE B 61 27.39 3.46 11.17
CA PHE B 61 28.00 3.21 9.89
C PHE B 61 29.05 4.27 9.55
N GLN B 62 28.69 5.56 9.76
CA GLN B 62 29.64 6.65 9.59
C GLN B 62 30.94 6.38 10.33
N GLN B 63 30.83 5.92 11.58
CA GLN B 63 31.98 5.57 12.40
C GLN B 63 32.58 4.23 11.98
N ALA B 64 33.21 4.21 10.80
CA ALA B 64 33.82 3.02 10.24
C ALA B 64 34.37 3.31 8.82
N GLN C 4 -10.98 15.78 3.53
CA GLN C 4 -10.05 16.37 2.57
C GLN C 4 -9.16 15.29 1.95
N LEU C 5 -8.44 15.68 0.88
CA LEU C 5 -7.27 14.91 0.46
C LEU C 5 -6.07 15.52 1.18
N THR C 6 -5.04 14.68 1.41
CA THR C 6 -3.81 15.09 2.06
C THR C 6 -2.76 15.51 1.03
N GLU C 7 -1.73 16.23 1.50
CA GLU C 7 -0.63 16.66 0.64
C GLU C 7 0.09 15.44 0.05
N GLU C 8 0.28 14.41 0.89
CA GLU C 8 0.89 13.16 0.48
C GLU C 8 -0.03 12.36 -0.47
N GLN C 9 -1.34 12.42 -0.21
CA GLN C 9 -2.32 11.76 -1.06
C GLN C 9 -2.32 12.32 -2.48
N ILE C 10 -2.32 13.66 -2.60
CA ILE C 10 -2.34 14.32 -3.90
C ILE C 10 -1.11 13.91 -4.71
N ALA C 11 0.04 13.83 -4.01
CA ALA C 11 1.26 13.32 -4.62
C ALA C 11 1.03 11.91 -5.15
N GLU C 12 0.46 11.04 -4.30
CA GLU C 12 0.22 9.65 -4.65
C GLU C 12 -0.57 9.54 -5.95
N PHE C 13 -1.63 10.35 -6.08
CA PHE C 13 -2.47 10.31 -7.25
C PHE C 13 -1.76 10.85 -8.50
N LYS C 14 -0.91 11.86 -8.30
CA LYS C 14 -0.16 12.42 -9.42
C LYS C 14 0.74 11.33 -10.03
N GLU C 15 1.35 10.51 -9.16
CA GLU C 15 2.15 9.39 -9.62
C GLU C 15 1.31 8.47 -10.52
N ALA C 16 0.15 8.02 -10.00
CA ALA C 16 -0.72 7.14 -10.75
C ALA C 16 -1.07 7.73 -12.11
N PHE C 17 -1.47 9.01 -12.13
CA PHE C 17 -1.84 9.69 -13.35
C PHE C 17 -0.75 9.64 -14.44
N SER C 18 0.49 9.85 -14.01
CA SER C 18 1.64 9.85 -14.91
C SER C 18 1.90 8.47 -15.52
N LEU C 19 1.54 7.41 -14.78
CA LEU C 19 1.66 6.03 -15.26
C LEU C 19 0.77 5.74 -16.47
N PHE C 20 -0.33 6.49 -16.59
CA PHE C 20 -1.20 6.42 -17.76
C PHE C 20 -0.78 7.41 -18.84
N ASP C 21 -0.50 8.66 -18.43
CA ASP C 21 -0.10 9.71 -19.35
C ASP C 21 1.33 9.48 -19.86
N LYS C 22 1.45 8.65 -20.91
CA LYS C 22 2.74 8.22 -21.43
C LYS C 22 3.50 9.36 -22.09
N ASP C 23 2.78 10.20 -22.85
CA ASP C 23 3.38 11.31 -23.59
C ASP C 23 3.50 12.60 -22.78
N GLY C 24 3.40 12.48 -21.44
CA GLY C 24 3.54 13.60 -20.52
C GLY C 24 2.86 14.89 -20.94
N ASP C 25 1.76 14.78 -21.71
CA ASP C 25 1.10 15.94 -22.29
C ASP C 25 -0.10 16.43 -21.47
N GLY C 26 -0.21 15.92 -20.23
CA GLY C 26 -1.19 16.40 -19.28
C GLY C 26 -2.59 15.80 -19.39
N THR C 27 -2.74 14.82 -20.30
CA THR C 27 -4.02 14.14 -20.48
C THR C 27 -3.87 12.66 -20.79
N ILE C 28 -4.96 11.92 -20.56
CA ILE C 28 -5.02 10.49 -20.80
C ILE C 28 -5.95 10.19 -21.97
N THR C 29 -5.37 9.59 -23.03
CA THR C 29 -6.12 9.23 -24.22
C THR C 29 -6.64 7.80 -24.09
N THR C 30 -7.56 7.42 -24.99
CA THR C 30 -7.97 6.03 -25.13
C THR C 30 -6.76 5.16 -25.44
N LYS C 31 -5.94 5.57 -26.43
CA LYS C 31 -4.74 4.84 -26.79
C LYS C 31 -3.80 4.62 -25.60
N GLU C 32 -3.64 5.65 -24.76
CA GLU C 32 -2.71 5.61 -23.65
C GLU C 32 -3.21 4.67 -22.55
N LEU C 33 -4.53 4.69 -22.33
CA LEU C 33 -5.17 3.81 -21.37
C LEU C 33 -5.18 2.37 -21.88
N GLY C 34 -5.45 2.20 -23.18
CA GLY C 34 -5.34 0.92 -23.83
C GLY C 34 -3.94 0.32 -23.69
N THR C 35 -2.93 1.18 -23.90
CA THR C 35 -1.55 0.77 -23.74
C THR C 35 -1.33 0.22 -22.34
N VAL C 36 -1.70 0.99 -21.31
CA VAL C 36 -1.52 0.57 -19.92
C VAL C 36 -2.21 -0.77 -19.68
N MET C 37 -3.46 -0.90 -20.15
CA MET C 37 -4.23 -2.11 -19.92
C MET C 37 -3.63 -3.32 -20.62
N ARG C 38 -3.24 -3.15 -21.88
CA ARG C 38 -2.52 -4.16 -22.63
C ARG C 38 -1.20 -4.50 -21.96
N SER C 39 -0.54 -3.49 -21.37
CA SER C 39 0.70 -3.69 -20.64
C SER C 39 0.53 -4.63 -19.45
N LEU C 40 -0.63 -4.52 -18.78
CA LEU C 40 -0.98 -5.38 -17.67
C LEU C 40 -1.72 -6.64 -18.12
N GLY C 41 -1.74 -6.89 -19.44
CA GLY C 41 -2.12 -8.17 -20.00
C GLY C 41 -3.60 -8.33 -20.35
N GLN C 42 -4.28 -7.21 -20.63
CA GLN C 42 -5.69 -7.21 -20.98
C GLN C 42 -5.80 -6.87 -22.47
N ASN C 43 -6.90 -7.28 -23.09
CA ASN C 43 -7.13 -7.00 -24.50
C ASN C 43 -8.47 -6.28 -24.66
N PRO C 44 -8.59 -5.02 -24.18
CA PRO C 44 -9.83 -4.27 -24.28
C PRO C 44 -10.14 -3.79 -25.69
N THR C 45 -11.43 -3.71 -26.00
CA THR C 45 -11.89 -3.12 -27.25
C THR C 45 -11.88 -1.60 -27.11
N GLU C 46 -11.68 -0.90 -28.24
CA GLU C 46 -11.70 0.56 -28.25
C GLU C 46 -13.06 1.05 -27.77
N ALA C 47 -14.10 0.21 -27.91
CA ALA C 47 -15.40 0.44 -27.31
C ALA C 47 -15.28 0.54 -25.79
N GLU C 48 -14.63 -0.46 -25.18
CA GLU C 48 -14.43 -0.48 -23.73
C GLU C 48 -13.61 0.73 -23.27
N LEU C 49 -12.60 1.10 -24.05
CA LEU C 49 -11.70 2.19 -23.69
C LEU C 49 -12.45 3.51 -23.74
N GLN C 50 -13.31 3.68 -24.75
CA GLN C 50 -14.11 4.89 -24.87
C GLN C 50 -15.13 4.99 -23.72
N ASP C 51 -15.86 3.90 -23.45
CA ASP C 51 -16.80 3.87 -22.34
C ASP C 51 -16.10 4.27 -21.03
N MET C 52 -14.90 3.73 -20.80
CA MET C 52 -14.09 4.05 -19.64
C MET C 52 -13.79 5.54 -19.54
N ILE C 53 -13.28 6.12 -20.64
CA ILE C 53 -12.91 7.52 -20.68
C ILE C 53 -14.12 8.42 -20.47
N ASN C 54 -15.28 7.99 -20.99
CA ASN C 54 -16.50 8.78 -20.91
C ASN C 54 -17.02 8.88 -19.48
N GLU C 55 -16.81 7.83 -18.68
CA GLU C 55 -17.24 7.81 -17.29
C GLU C 55 -16.45 8.81 -16.43
N VAL C 56 -15.23 9.13 -16.86
CA VAL C 56 -14.36 10.04 -16.14
C VAL C 56 -14.16 11.42 -16.79
N ASP C 57 -14.56 11.55 -18.07
CA ASP C 57 -14.37 12.77 -18.83
C ASP C 57 -15.52 13.74 -18.59
N ALA C 58 -15.26 14.83 -17.89
CA ALA C 58 -16.30 15.75 -17.47
C ALA C 58 -16.63 16.78 -18.55
N ASP C 59 -15.60 17.49 -19.05
CA ASP C 59 -15.79 18.55 -20.03
C ASP C 59 -16.00 18.05 -21.45
N GLY C 60 -15.89 16.72 -21.65
CA GLY C 60 -16.25 16.09 -22.90
C GLY C 60 -15.27 16.35 -24.04
N ASN C 61 -14.03 16.66 -23.68
CA ASN C 61 -12.98 16.92 -24.66
C ASN C 61 -12.41 15.62 -25.22
N GLY C 62 -12.82 14.48 -24.64
CA GLY C 62 -12.43 13.17 -25.12
C GLY C 62 -11.18 12.61 -24.44
N THR C 63 -10.55 13.45 -23.61
CA THR C 63 -9.40 13.02 -22.81
C THR C 63 -9.64 13.34 -21.34
N ILE C 64 -8.99 12.56 -20.47
CA ILE C 64 -9.01 12.80 -19.03
C ILE C 64 -7.82 13.66 -18.60
N ASP C 65 -8.11 14.80 -17.97
CA ASP C 65 -7.10 15.65 -17.35
C ASP C 65 -7.00 15.30 -15.87
N PHE C 66 -6.03 15.93 -15.17
CA PHE C 66 -5.74 15.60 -13.79
C PHE C 66 -6.92 15.91 -12.87
N PRO C 67 -7.57 17.11 -12.98
CA PRO C 67 -8.79 17.37 -12.23
C PRO C 67 -9.81 16.24 -12.31
N GLU C 68 -10.16 15.83 -13.55
CA GLU C 68 -11.09 14.75 -13.79
C GLU C 68 -10.62 13.45 -13.14
N PHE C 69 -9.30 13.23 -13.16
CA PHE C 69 -8.71 12.03 -12.58
C PHE C 69 -8.89 12.00 -11.06
N LEU C 70 -8.58 13.11 -10.38
CA LEU C 70 -8.71 13.09 -8.92
C LEU C 70 -10.16 13.22 -8.50
N THR C 71 -11.03 13.75 -9.37
CA THR C 71 -12.47 13.70 -9.14
C THR C 71 -12.94 12.25 -9.05
N MET C 72 -12.49 11.42 -10.00
CA MET C 72 -12.92 10.04 -10.12
C MET C 72 -12.33 9.20 -8.99
N MET C 73 -11.05 9.43 -8.68
CA MET C 73 -10.40 8.79 -7.56
C MET C 73 -11.07 9.18 -6.23
N ALA C 74 -11.69 10.36 -6.18
CA ALA C 74 -12.38 10.82 -4.99
C ALA C 74 -13.87 10.49 -4.93
N ARG C 75 -14.41 9.92 -6.02
CA ARG C 75 -15.82 9.53 -6.07
C ARG C 75 -16.09 8.49 -5.00
N LYS C 76 -17.28 8.56 -4.39
CA LYS C 76 -17.70 7.56 -3.41
C LYS C 76 -18.37 6.37 -4.13
N ASP C 81 -26.31 5.00 -1.88
CA ASP C 81 -26.82 5.02 -3.26
C ASP C 81 -26.18 3.92 -4.12
N SER C 82 -24.86 3.74 -3.98
CA SER C 82 -24.14 2.63 -4.59
C SER C 82 -24.50 1.32 -3.88
N GLU C 83 -24.73 1.39 -2.56
CA GLU C 83 -25.27 0.26 -1.82
C GLU C 83 -26.57 -0.23 -2.44
N GLU C 84 -27.47 0.70 -2.74
CA GLU C 84 -28.77 0.38 -3.33
C GLU C 84 -28.61 -0.23 -4.72
N GLU C 85 -27.65 0.29 -5.49
CA GLU C 85 -27.39 -0.21 -6.84
C GLU C 85 -26.91 -1.66 -6.82
N ILE C 86 -26.00 -1.98 -5.90
CA ILE C 86 -25.44 -3.33 -5.80
C ILE C 86 -26.46 -4.32 -5.24
N ARG C 87 -27.26 -3.87 -4.27
CA ARG C 87 -28.34 -4.67 -3.73
C ARG C 87 -29.35 -5.05 -4.83
N GLU C 88 -29.75 -4.06 -5.63
CA GLU C 88 -30.70 -4.27 -6.71
C GLU C 88 -30.13 -5.15 -7.81
N ALA C 89 -28.80 -5.19 -7.92
CA ALA C 89 -28.15 -6.07 -8.87
C ALA C 89 -28.30 -7.54 -8.45
N PHE C 90 -28.10 -7.81 -7.16
CA PHE C 90 -28.30 -9.15 -6.62
C PHE C 90 -29.74 -9.62 -6.76
N ARG C 91 -30.70 -8.69 -6.64
CA ARG C 91 -32.12 -8.96 -6.83
C ARG C 91 -32.46 -9.54 -8.20
N VAL C 92 -31.71 -9.14 -9.24
CA VAL C 92 -31.92 -9.65 -10.58
C VAL C 92 -31.83 -11.18 -10.61
N PHE C 93 -31.05 -11.75 -9.69
CA PHE C 93 -30.87 -13.18 -9.58
C PHE C 93 -31.64 -13.82 -8.43
N ASP C 94 -32.35 -12.99 -7.64
CA ASP C 94 -33.12 -13.50 -6.52
C ASP C 94 -34.38 -14.15 -7.08
N LYS C 95 -34.33 -15.48 -7.22
CA LYS C 95 -35.53 -16.29 -7.35
C LYS C 95 -36.37 -15.53 -6.31
N ASP C 96 -37.50 -14.98 -6.76
CA ASP C 96 -38.69 -14.66 -6.00
C ASP C 96 -38.47 -13.89 -4.68
N GLY C 97 -37.53 -12.95 -4.68
CA GLY C 97 -37.33 -12.05 -3.54
C GLY C 97 -37.03 -12.73 -2.21
N ASN C 98 -36.30 -13.85 -2.26
CA ASN C 98 -35.85 -14.53 -1.06
C ASN C 98 -35.16 -13.54 -0.11
N GLY C 99 -34.10 -12.88 -0.61
CA GLY C 99 -33.07 -12.28 0.24
C GLY C 99 -31.75 -13.07 0.19
N TYR C 100 -31.85 -14.34 -0.20
CA TYR C 100 -30.72 -15.25 -0.32
C TYR C 100 -30.54 -15.63 -1.79
N ILE C 101 -29.29 -15.97 -2.16
CA ILE C 101 -29.00 -16.59 -3.45
C ILE C 101 -28.30 -17.92 -3.21
N SER C 102 -28.67 -18.96 -3.96
CA SER C 102 -27.96 -20.23 -3.93
C SER C 102 -26.51 -20.01 -4.36
N ALA C 103 -25.56 -20.60 -3.61
CA ALA C 103 -24.15 -20.43 -3.90
C ALA C 103 -23.79 -20.98 -5.28
N ALA C 104 -24.54 -22.00 -5.72
CA ALA C 104 -24.39 -22.55 -7.07
C ALA C 104 -24.74 -21.49 -8.11
N GLU C 105 -25.89 -20.85 -7.93
CA GLU C 105 -26.35 -19.80 -8.82
C GLU C 105 -25.37 -18.62 -8.81
N LEU C 106 -24.86 -18.27 -7.62
CA LEU C 106 -23.90 -17.20 -7.47
C LEU C 106 -22.64 -17.53 -8.27
N ARG C 107 -22.13 -18.75 -8.11
CA ARG C 107 -20.90 -19.16 -8.76
C ARG C 107 -21.02 -19.14 -10.29
N HIS C 108 -22.14 -19.69 -10.81
CA HIS C 108 -22.37 -19.76 -12.24
C HIS C 108 -22.46 -18.36 -12.87
N VAL C 109 -23.25 -17.50 -12.25
CA VAL C 109 -23.36 -16.11 -12.70
C VAL C 109 -21.98 -15.47 -12.70
N MET C 110 -21.28 -15.58 -11.55
CA MET C 110 -20.02 -14.89 -11.33
C MET C 110 -18.93 -15.34 -12.30
N THR C 111 -19.01 -16.59 -12.78
CA THR C 111 -17.95 -17.14 -13.61
C THR C 111 -18.27 -17.01 -15.10
N ASN C 112 -19.48 -17.40 -15.49
CA ASN C 112 -19.83 -17.53 -16.90
C ASN C 112 -20.46 -16.28 -17.49
N LEU C 113 -21.21 -15.53 -16.68
CA LEU C 113 -21.81 -14.28 -17.13
C LEU C 113 -20.85 -13.15 -16.76
N GLY C 114 -21.04 -12.00 -17.42
CA GLY C 114 -20.29 -10.79 -17.10
C GLY C 114 -18.82 -10.82 -17.49
N GLU C 115 -17.95 -10.91 -16.48
CA GLU C 115 -16.60 -10.36 -16.57
C GLU C 115 -15.48 -11.39 -16.36
N LEU C 117 -15.09 -13.64 -14.01
CA LEU C 117 -14.42 -13.84 -12.72
C LEU C 117 -13.94 -15.29 -12.61
N THR C 118 -12.86 -15.51 -11.84
CA THR C 118 -12.25 -16.83 -11.76
C THR C 118 -12.85 -17.64 -10.62
N ASP C 119 -12.70 -18.97 -10.71
CA ASP C 119 -13.15 -19.90 -9.68
C ASP C 119 -12.55 -19.58 -8.32
N GLU C 120 -11.26 -19.20 -8.30
CA GLU C 120 -10.59 -18.83 -7.08
C GLU C 120 -11.22 -17.58 -6.47
N GLU C 121 -11.41 -16.54 -7.31
CA GLU C 121 -12.00 -15.28 -6.88
C GLU C 121 -13.39 -15.49 -6.26
N VAL C 122 -14.17 -16.40 -6.86
CA VAL C 122 -15.53 -16.67 -6.42
C VAL C 122 -15.53 -17.54 -5.16
N ASP C 123 -14.45 -18.31 -4.97
CA ASP C 123 -14.26 -19.07 -3.74
C ASP C 123 -14.12 -18.08 -2.59
N GLU C 124 -13.23 -17.09 -2.74
CA GLU C 124 -13.10 -15.99 -1.79
C GLU C 124 -14.45 -15.33 -1.48
N MET C 125 -15.20 -15.05 -2.54
CA MET C 125 -16.50 -14.41 -2.42
C MET C 125 -17.43 -15.19 -1.50
N ILE C 126 -17.66 -16.47 -1.84
CA ILE C 126 -18.59 -17.32 -1.11
C ILE C 126 -18.12 -17.56 0.32
N ARG C 127 -16.80 -17.70 0.51
CA ARG C 127 -16.23 -17.91 1.83
C ARG C 127 -16.43 -16.71 2.75
N GLU C 128 -16.61 -15.53 2.16
CA GLU C 128 -16.80 -14.29 2.91
C GLU C 128 -18.25 -13.99 3.23
N ALA C 129 -19.17 -14.91 2.89
CA ALA C 129 -20.59 -14.63 2.98
C ALA C 129 -21.44 -15.74 3.62
N ASP C 130 -21.03 -17.00 3.41
CA ASP C 130 -21.88 -18.12 3.79
C ASP C 130 -21.74 -18.35 5.30
N ILE C 131 -22.86 -18.68 5.94
CA ILE C 131 -22.90 -18.99 7.36
C ILE C 131 -23.11 -20.49 7.53
N GLU C 132 -22.04 -21.26 7.28
CA GLU C 132 -22.12 -22.69 7.06
C GLU C 132 -22.67 -22.87 5.64
N GLY C 133 -23.27 -24.04 5.34
CA GLY C 133 -24.05 -24.21 4.12
C GLY C 133 -25.33 -23.38 4.15
N ASP C 134 -26.21 -23.71 5.12
CA ASP C 134 -27.39 -22.93 5.44
C ASP C 134 -27.14 -21.45 5.76
N GLY C 135 -28.08 -20.60 5.35
CA GLY C 135 -27.91 -19.19 5.01
C GLY C 135 -27.07 -19.05 3.75
N GLN C 136 -27.43 -19.84 2.73
CA GLN C 136 -26.83 -19.80 1.41
C GLN C 136 -26.76 -18.35 0.87
N VAL C 137 -25.55 -17.80 0.79
CA VAL C 137 -25.33 -16.43 0.37
C VAL C 137 -26.17 -15.14 0.53
N ASN C 138 -26.55 -14.88 1.78
CA ASN C 138 -27.41 -13.73 2.07
C ASN C 138 -26.75 -12.49 1.48
N TYR C 139 -27.31 -11.97 0.38
CA TYR C 139 -26.63 -10.93 -0.37
C TYR C 139 -26.64 -9.59 0.35
N GLU C 140 -27.66 -9.36 1.18
CA GLU C 140 -27.64 -8.23 2.10
C GLU C 140 -26.31 -8.13 2.85
N GLU C 141 -25.78 -9.29 3.26
CA GLU C 141 -24.47 -9.41 3.87
C GLU C 141 -23.33 -8.95 2.96
N PHE C 142 -23.35 -9.39 1.69
CA PHE C 142 -22.39 -8.93 0.70
C PHE C 142 -22.38 -7.41 0.55
N VAL C 143 -23.57 -6.86 0.36
CA VAL C 143 -23.74 -5.44 0.09
C VAL C 143 -23.18 -4.62 1.24
N GLN C 144 -23.47 -5.05 2.48
CA GLN C 144 -22.98 -4.36 3.66
C GLN C 144 -21.46 -4.47 3.83
N MET C 145 -20.91 -5.62 3.44
CA MET C 145 -19.47 -5.88 3.53
C MET C 145 -18.70 -4.97 2.59
N MET C 146 -19.22 -4.77 1.37
CA MET C 146 -18.60 -3.92 0.38
C MET C 146 -18.74 -2.43 0.70
N THR C 147 -19.63 -2.08 1.63
CA THR C 147 -19.91 -0.69 1.96
C THR C 147 -19.93 -0.45 3.48
N GLN D 4 8.11 23.79 6.88
CA GLN D 4 7.98 22.45 6.30
C GLN D 4 6.67 21.79 6.73
N LEU D 5 6.49 21.61 8.04
CA LEU D 5 5.42 20.76 8.56
C LEU D 5 4.08 21.49 8.51
N THR D 6 3.00 20.72 8.38
CA THR D 6 1.64 21.25 8.28
C THR D 6 0.98 21.35 9.66
N GLU D 7 -0.11 22.12 9.75
CA GLU D 7 -0.82 22.30 11.00
C GLU D 7 -1.39 20.96 11.49
N GLU D 8 -1.91 20.16 10.55
CA GLU D 8 -2.41 18.83 10.85
C GLU D 8 -1.28 17.85 11.20
N GLN D 9 -0.14 18.00 10.53
CA GLN D 9 1.05 17.20 10.82
C GLN D 9 1.54 17.42 12.24
N ILE D 10 1.67 18.68 12.66
CA ILE D 10 2.16 19.04 13.99
C ILE D 10 1.24 18.43 15.04
N ALA D 11 -0.07 18.45 14.79
CA ALA D 11 -1.02 17.78 15.65
C ALA D 11 -0.70 16.28 15.74
N GLU D 12 -0.50 15.66 14.57
CA GLU D 12 -0.22 14.23 14.51
C GLU D 12 0.99 13.87 15.38
N PHE D 13 2.05 14.67 15.28
CA PHE D 13 3.26 14.41 16.02
C PHE D 13 3.08 14.68 17.51
N LYS D 14 2.24 15.66 17.87
CA LYS D 14 1.97 15.94 19.27
C LYS D 14 1.36 14.72 19.94
N GLU D 15 0.45 14.04 19.23
CA GLU D 15 -0.13 12.80 19.72
C GLU D 15 0.99 11.80 20.03
N ALA D 16 1.82 11.52 19.02
CA ALA D 16 2.91 10.57 19.17
C ALA D 16 3.80 10.93 20.36
N PHE D 17 4.20 12.20 20.46
CA PHE D 17 5.06 12.69 21.52
C PHE D 17 4.51 12.37 22.91
N SER D 18 3.19 12.56 23.09
CA SER D 18 2.55 12.33 24.37
C SER D 18 2.55 10.85 24.76
N LEU D 19 2.54 9.96 23.75
CA LEU D 19 2.61 8.52 23.95
C LEU D 19 3.93 8.08 24.57
N PHE D 20 4.99 8.86 24.35
CA PHE D 20 6.28 8.65 24.99
C PHE D 20 6.40 9.41 26.31
N ASP D 21 5.98 10.69 26.32
CA ASP D 21 6.05 11.51 27.52
C ASP D 21 4.98 11.08 28.54
N LYS D 22 5.32 10.06 29.34
CA LYS D 22 4.36 9.44 30.24
C LYS D 22 4.00 10.36 31.40
N ASP D 23 5.01 11.06 31.93
CA ASP D 23 4.82 11.96 33.07
C ASP D 23 4.39 13.38 32.70
N GLY D 24 3.89 13.55 31.46
CA GLY D 24 3.40 14.83 30.97
C GLY D 24 4.22 16.05 31.36
N ASP D 25 5.55 15.86 31.49
CA ASP D 25 6.43 16.90 31.96
C ASP D 25 7.15 17.64 30.83
N GLY D 26 6.68 17.42 29.59
CA GLY D 26 7.15 18.17 28.44
C GLY D 26 8.42 17.66 27.78
N THR D 27 8.97 16.55 28.29
CA THR D 27 10.13 15.93 27.69
C THR D 27 10.11 14.40 27.73
N ILE D 28 10.97 13.81 26.90
CA ILE D 28 11.14 12.36 26.83
C ILE D 28 12.51 11.98 27.40
N THR D 29 12.47 11.18 28.48
CA THR D 29 13.66 10.65 29.13
C THR D 29 14.07 9.33 28.49
N THR D 30 15.28 8.86 28.83
CA THR D 30 15.70 7.51 28.46
C THR D 30 14.73 6.48 29.01
N LYS D 31 14.40 6.61 30.31
CA LYS D 31 13.45 5.74 30.97
C LYS D 31 12.11 5.67 30.24
N GLU D 32 11.61 6.83 29.80
CA GLU D 32 10.27 6.93 29.20
C GLU D 32 10.25 6.28 27.82
N LEU D 33 11.35 6.49 27.07
CA LEU D 33 11.50 5.90 25.76
C LEU D 33 11.70 4.38 25.87
N GLY D 34 12.53 3.98 26.83
CA GLY D 34 12.74 2.58 27.17
C GLY D 34 11.43 1.91 27.55
N THR D 35 10.60 2.61 28.35
CA THR D 35 9.31 2.09 28.76
C THR D 35 8.49 1.75 27.53
N VAL D 36 8.34 2.73 26.63
CA VAL D 36 7.54 2.55 25.41
C VAL D 36 8.07 1.35 24.62
N MET D 37 9.39 1.30 24.44
CA MET D 37 10.02 0.24 23.65
C MET D 37 9.83 -1.14 24.27
N ARG D 38 10.04 -1.23 25.58
CA ARG D 38 9.79 -2.46 26.33
C ARG D 38 8.31 -2.84 26.25
N SER D 39 7.43 -1.83 26.25
CA SER D 39 6.00 -2.04 26.11
C SER D 39 5.64 -2.73 24.79
N LEU D 40 6.37 -2.36 23.73
CA LEU D 40 6.21 -2.96 22.40
C LEU D 40 7.12 -4.17 22.21
N GLY D 41 7.72 -4.66 23.30
CA GLY D 41 8.42 -5.95 23.31
C GLY D 41 9.89 -5.94 22.91
N GLN D 42 10.56 -4.81 23.12
CA GLN D 42 11.98 -4.65 22.84
C GLN D 42 12.73 -4.58 24.16
N ASN D 43 14.02 -4.92 24.14
CA ASN D 43 14.79 -5.02 25.38
C ASN D 43 16.04 -4.16 25.24
N PRO D 44 15.89 -2.82 25.14
CA PRO D 44 17.03 -1.97 24.81
C PRO D 44 17.95 -1.72 25.99
N THR D 45 19.25 -1.59 25.69
CA THR D 45 20.24 -1.23 26.69
C THR D 45 20.22 0.29 26.86
N GLU D 46 20.55 0.77 28.05
CA GLU D 46 20.58 2.20 28.31
C GLU D 46 21.57 2.88 27.37
N ALA D 47 22.55 2.11 26.88
CA ALA D 47 23.44 2.54 25.82
C ALA D 47 22.66 2.89 24.55
N GLU D 48 21.80 1.95 24.12
CA GLU D 48 20.98 2.14 22.94
C GLU D 48 20.03 3.32 23.11
N LEU D 49 19.46 3.47 24.31
CA LEU D 49 18.50 4.52 24.60
C LEU D 49 19.19 5.89 24.54
N GLN D 50 20.42 5.96 25.06
CA GLN D 50 21.18 7.20 25.03
C GLN D 50 21.55 7.56 23.59
N ASP D 51 22.09 6.60 22.84
CA ASP D 51 22.41 6.84 21.43
C ASP D 51 21.19 7.38 20.66
N MET D 52 20.03 6.76 20.90
CA MET D 52 18.77 7.19 20.31
C MET D 52 18.45 8.65 20.63
N ILE D 53 18.50 8.99 21.93
CA ILE D 53 18.18 10.33 22.40
C ILE D 53 19.15 11.36 21.84
N ASN D 54 20.42 10.96 21.68
CA ASN D 54 21.45 11.86 21.18
C ASN D 54 21.26 12.23 19.72
N GLU D 55 20.68 11.32 18.94
CA GLU D 55 20.39 11.57 17.53
C GLU D 55 19.31 12.64 17.35
N VAL D 56 18.44 12.81 18.35
CA VAL D 56 17.37 13.79 18.31
C VAL D 56 17.54 14.98 19.26
N ASP D 57 18.50 14.88 20.21
CA ASP D 57 18.71 15.90 21.23
C ASP D 57 19.64 16.99 20.72
N ALA D 58 19.08 18.19 20.52
CA ALA D 58 19.82 19.28 19.92
C ALA D 58 20.67 20.04 20.94
N ASP D 59 20.03 20.52 22.02
CA ASP D 59 20.70 21.34 23.02
C ASP D 59 21.53 20.53 24.01
N GLY D 60 21.47 19.19 23.91
CA GLY D 60 22.32 18.31 24.70
C GLY D 60 21.96 18.25 26.18
N ASN D 61 20.70 18.53 26.50
CA ASN D 61 20.22 18.47 27.87
C ASN D 61 19.94 17.03 28.31
N GLY D 62 20.00 16.09 27.35
CA GLY D 62 19.85 14.67 27.63
C GLY D 62 18.42 14.18 27.49
N THR D 63 17.48 15.12 27.28
CA THR D 63 16.08 14.81 27.09
C THR D 63 15.61 15.39 25.74
N ILE D 64 14.60 14.73 25.16
CA ILE D 64 13.97 15.21 23.93
C ILE D 64 12.73 16.05 24.28
N ASP D 65 12.74 17.33 23.86
CA ASP D 65 11.58 18.19 24.02
C ASP D 65 10.80 18.17 22.71
N PHE D 66 9.64 18.82 22.70
CA PHE D 66 8.73 18.77 21.56
C PHE D 66 9.36 19.43 20.33
N PRO D 67 9.98 20.63 20.44
CA PRO D 67 10.73 21.19 19.31
C PRO D 67 11.67 20.19 18.63
N GLU D 68 12.54 19.57 19.43
CA GLU D 68 13.48 18.56 18.97
C GLU D 68 12.75 17.42 18.29
N PHE D 69 11.59 17.03 18.84
CA PHE D 69 10.80 15.94 18.30
C PHE D 69 10.25 16.25 16.91
N LEU D 70 9.68 17.46 16.75
CA LEU D 70 9.13 17.87 15.46
C LEU D 70 10.23 18.10 14.43
N THR D 71 11.41 18.54 14.91
CA THR D 71 12.57 18.70 14.06
C THR D 71 12.98 17.36 13.45
N MET D 72 13.01 16.33 14.29
CA MET D 72 13.48 15.00 13.92
C MET D 72 12.47 14.30 13.02
N MET D 73 11.19 14.46 13.33
CA MET D 73 10.14 13.95 12.47
C MET D 73 10.12 14.66 11.13
N ALA D 74 10.62 15.91 11.09
CA ALA D 74 10.67 16.67 9.85
C ALA D 74 11.99 16.52 9.09
N ARG D 75 12.98 15.82 9.67
CA ARG D 75 14.20 15.46 8.97
C ARG D 75 13.83 14.58 7.78
N LYS D 76 14.54 14.76 6.65
CA LYS D 76 14.21 14.08 5.41
C LYS D 76 14.92 12.72 5.34
N MET D 77 14.22 11.72 4.80
CA MET D 77 14.77 10.38 4.62
C MET D 77 15.30 10.23 3.20
N ASP D 81 22.43 13.07 2.01
CA ASP D 81 23.19 11.99 1.37
C ASP D 81 22.99 10.64 2.09
N SER D 82 21.74 10.35 2.47
CA SER D 82 21.40 9.07 3.06
C SER D 82 21.40 7.98 1.99
N GLU D 83 21.03 8.35 0.76
CA GLU D 83 21.16 7.47 -0.40
C GLU D 83 22.61 6.96 -0.53
N GLU D 84 23.59 7.87 -0.39
CA GLU D 84 24.99 7.50 -0.51
C GLU D 84 25.42 6.52 0.59
N GLU D 85 24.92 6.76 1.80
CA GLU D 85 25.26 5.93 2.95
C GLU D 85 24.73 4.50 2.76
N ILE D 86 23.48 4.38 2.28
CA ILE D 86 22.86 3.08 2.09
C ILE D 86 23.47 2.33 0.92
N ARG D 87 23.80 3.04 -0.17
CA ARG D 87 24.50 2.45 -1.30
C ARG D 87 25.84 1.85 -0.87
N GLU D 88 26.61 2.62 -0.10
CA GLU D 88 27.91 2.19 0.37
C GLU D 88 27.81 1.02 1.34
N ALA D 89 26.67 0.89 2.00
CA ALA D 89 26.41 -0.22 2.89
C ALA D 89 26.23 -1.53 2.10
N PHE D 90 25.48 -1.47 1.00
CA PHE D 90 25.30 -2.63 0.13
C PHE D 90 26.62 -3.11 -0.46
N ARG D 91 27.51 -2.16 -0.79
CA ARG D 91 28.79 -2.48 -1.38
C ARG D 91 29.71 -3.26 -0.44
N VAL D 92 29.53 -3.06 0.87
CA VAL D 92 30.28 -3.81 1.87
C VAL D 92 30.14 -5.31 1.66
N PHE D 93 29.00 -5.74 1.10
CA PHE D 93 28.72 -7.13 0.81
C PHE D 93 28.73 -7.49 -0.67
N ASP D 94 29.29 -6.61 -1.52
CA ASP D 94 29.22 -6.84 -2.95
C ASP D 94 30.18 -7.93 -3.36
N LYS D 95 29.63 -9.15 -3.51
CA LYS D 95 30.30 -10.25 -4.15
C LYS D 95 31.00 -9.56 -5.33
N ASP D 96 32.33 -9.61 -5.31
CA ASP D 96 33.17 -9.04 -6.35
C ASP D 96 33.11 -7.52 -6.34
N GLY D 97 32.43 -6.93 -7.33
CA GLY D 97 32.46 -5.48 -7.53
C GLY D 97 31.56 -4.98 -8.66
N ASN D 98 30.71 -5.87 -9.19
CA ASN D 98 29.60 -5.49 -10.05
C ASN D 98 28.49 -5.05 -9.10
N GLY D 99 27.66 -4.09 -9.53
CA GLY D 99 26.62 -3.54 -8.70
C GLY D 99 25.82 -4.65 -8.01
N TYR D 100 25.67 -5.78 -8.70
CA TYR D 100 24.69 -6.83 -8.46
C TYR D 100 25.10 -7.70 -7.27
N ILE D 101 24.10 -8.09 -6.47
CA ILE D 101 24.34 -8.95 -5.32
C ILE D 101 23.40 -10.16 -5.41
N SER D 102 23.93 -11.35 -5.09
CA SER D 102 23.10 -12.54 -5.07
C SER D 102 22.02 -12.43 -4.01
N ALA D 103 20.78 -12.77 -4.39
CA ALA D 103 19.66 -12.74 -3.48
C ALA D 103 19.85 -13.70 -2.30
N ALA D 104 20.59 -14.79 -2.54
CA ALA D 104 20.95 -15.72 -1.49
C ALA D 104 21.82 -15.03 -0.44
N GLU D 105 22.85 -14.33 -0.92
CA GLU D 105 23.76 -13.58 -0.06
C GLU D 105 23.00 -12.49 0.69
N LEU D 106 22.08 -11.82 -0.01
CA LEU D 106 21.26 -10.77 0.60
C LEU D 106 20.42 -11.36 1.72
N ARG D 107 19.78 -12.51 1.47
CA ARG D 107 18.91 -13.13 2.45
C ARG D 107 19.67 -13.56 3.72
N HIS D 108 20.83 -14.18 3.53
CA HIS D 108 21.64 -14.65 4.65
C HIS D 108 22.13 -13.50 5.52
N VAL D 109 22.68 -12.47 4.86
CA VAL D 109 23.11 -11.25 5.55
C VAL D 109 21.93 -10.68 6.34
N MET D 110 20.80 -10.50 5.64
CA MET D 110 19.67 -9.77 6.20
C MET D 110 19.04 -10.49 7.37
N THR D 111 19.18 -11.82 7.42
CA THR D 111 18.53 -12.60 8.47
C THR D 111 19.47 -12.87 9.64
N ASN D 112 20.69 -13.33 9.34
CA ASN D 112 21.60 -13.81 10.36
C ASN D 112 22.54 -12.75 10.94
N LEU D 113 22.92 -11.75 10.11
CA LEU D 113 23.51 -10.53 10.64
C LEU D 113 22.39 -9.53 10.92
N GLY D 114 22.70 -8.44 11.62
CA GLY D 114 21.76 -7.33 11.75
C GLY D 114 20.55 -7.61 12.63
N GLU D 115 19.37 -7.84 12.00
CA GLU D 115 18.13 -8.11 12.71
C GLU D 115 16.86 -8.10 11.86
N LEU D 117 16.60 -9.15 11.04
CA LEU D 117 15.40 -9.17 10.20
C LEU D 117 14.76 -10.55 10.06
N THR D 118 13.42 -10.56 9.91
CA THR D 118 12.62 -11.76 9.85
C THR D 118 12.53 -12.32 8.43
N ASP D 119 12.20 -13.61 8.34
CA ASP D 119 12.08 -14.30 7.06
C ASP D 119 11.01 -13.66 6.18
N GLU D 120 9.91 -13.24 6.81
CA GLU D 120 8.84 -12.58 6.08
C GLU D 120 9.32 -11.23 5.55
N GLU D 121 9.96 -10.43 6.42
CA GLU D 121 10.49 -9.13 6.04
C GLU D 121 11.44 -9.22 4.84
N VAL D 122 12.28 -10.26 4.83
CA VAL D 122 13.28 -10.45 3.78
C VAL D 122 12.62 -10.97 2.50
N ASP D 123 11.49 -11.66 2.66
CA ASP D 123 10.71 -12.10 1.52
C ASP D 123 10.19 -10.87 0.78
N GLU D 124 9.57 -9.94 1.51
CA GLU D 124 9.10 -8.70 0.91
C GLU D 124 10.24 -7.96 0.23
N MET D 125 11.42 -7.93 0.90
CA MET D 125 12.58 -7.24 0.38
C MET D 125 12.95 -7.78 -1.00
N ILE D 126 13.20 -9.10 -1.08
CA ILE D 126 13.65 -9.75 -2.30
C ILE D 126 12.61 -9.64 -3.41
N ARG D 127 11.32 -9.75 -3.03
CA ARG D 127 10.22 -9.66 -3.97
C ARG D 127 10.14 -8.27 -4.64
N GLU D 128 10.67 -7.26 -3.94
CA GLU D 128 10.67 -5.89 -4.43
C GLU D 128 11.94 -5.52 -5.22
N ALA D 129 12.70 -6.54 -5.63
CA ALA D 129 14.02 -6.34 -6.21
C ALA D 129 14.28 -7.04 -7.56
N ASP D 130 13.57 -8.13 -7.84
CA ASP D 130 13.60 -8.81 -9.13
C ASP D 130 14.62 -9.55 -10.01
N ILE D 131 15.23 -10.58 -9.43
CA ILE D 131 16.50 -11.21 -9.80
C ILE D 131 16.47 -11.87 -11.17
N GLN D 136 20.31 -12.82 -7.97
CA GLN D 136 21.17 -11.70 -8.35
C GLN D 136 20.35 -10.44 -8.61
N VAL D 137 20.47 -9.43 -7.73
CA VAL D 137 19.71 -8.20 -7.87
C VAL D 137 20.60 -6.97 -7.80
N ASN D 138 20.13 -5.91 -8.48
CA ASN D 138 20.79 -4.63 -8.51
C ASN D 138 20.40 -3.85 -7.26
N TYR D 139 21.35 -3.68 -6.33
CA TYR D 139 21.09 -2.97 -5.09
C TYR D 139 20.86 -1.49 -5.35
N GLU D 140 21.53 -0.94 -6.37
CA GLU D 140 21.41 0.47 -6.70
C GLU D 140 19.94 0.87 -6.86
N GLU D 141 19.15 -0.03 -7.48
CA GLU D 141 17.72 0.16 -7.62
C GLU D 141 16.98 0.18 -6.28
N PHE D 142 17.33 -0.76 -5.39
CA PHE D 142 16.77 -0.77 -4.04
C PHE D 142 17.02 0.54 -3.30
N VAL D 143 18.29 0.98 -3.31
CA VAL D 143 18.73 2.15 -2.58
C VAL D 143 17.96 3.39 -3.05
N GLN D 144 17.78 3.50 -4.37
CA GLN D 144 17.06 4.64 -4.94
C GLN D 144 15.57 4.59 -4.60
N MET D 145 15.01 3.37 -4.52
CA MET D 145 13.60 3.16 -4.22
C MET D 145 13.28 3.58 -2.78
N MET D 146 14.18 3.25 -1.86
CA MET D 146 14.04 3.61 -0.46
C MET D 146 14.25 5.10 -0.20
N THR D 147 14.84 5.82 -1.16
CA THR D 147 15.16 7.24 -1.00
C THR D 147 14.74 8.07 -2.22
CA CA E . -1.48 12.09 -22.84
CA CA F . -11.33 16.12 -20.18
CA CA G . 8.58 13.23 30.13
CA CA H . 16.22 18.76 24.77
#